data_8B6E
#
_entry.id   8B6E
#
_cell.length_a   28.887
_cell.length_b   30.943
_cell.length_c   31.188
_cell.angle_alpha   83.990
_cell.angle_beta   63.450
_cell.angle_gamma   69.840
#
_symmetry.space_group_name_H-M   'P 1'
#
loop_
_entity.id
_entity.type
_entity.pdbx_description
1 polymer sCTP-23166
2 non-polymer 1,2-ETHANEDIOL
3 non-polymer 'SODIUM ION'
4 water water
#
_entity_poly.entity_id   1
_entity_poly.type   'polypeptide(L)'
_entity_poly.pdbx_seq_one_letter_code
;MGHHHHHHHHHHMAGYSRAVRCVETGVEYPSLSAAAKAMDLFGPQNIYKAIRLGKLAGGYHWVYVD
;
_entity_poly.pdbx_strand_id   A,B
#
loop_
_chem_comp.id
_chem_comp.type
_chem_comp.name
_chem_comp.formula
EDO non-polymer 1,2-ETHANEDIOL 'C2 H6 O2'
NA non-polymer 'SODIUM ION' 'Na 1'
#
# COMPACT_ATOMS: atom_id res chain seq x y z
N GLY A 15 -6.11 21.38 -0.11
CA GLY A 15 -4.68 21.04 -0.14
C GLY A 15 -4.49 19.75 -0.92
N TYR A 16 -3.30 19.16 -0.92
CA TYR A 16 -3.04 18.02 -1.78
C TYR A 16 -1.81 17.27 -1.29
N SER A 17 -1.96 15.96 -1.22
CA SER A 17 -0.83 15.04 -0.90
CA SER A 17 -0.87 15.02 -0.88
C SER A 17 -0.74 14.05 -2.04
N ARG A 18 0.31 14.13 -2.87
CA ARG A 18 0.38 13.23 -4.05
C ARG A 18 0.58 11.78 -3.58
N ALA A 19 -0.28 10.91 -4.06
CA ALA A 19 -0.19 9.46 -3.79
C ALA A 19 0.92 8.84 -4.67
N VAL A 20 1.52 7.81 -4.16
CA VAL A 20 2.68 7.15 -4.78
C VAL A 20 2.41 5.67 -4.90
N ARG A 21 2.99 5.09 -5.97
CA ARG A 21 2.89 3.65 -6.20
C ARG A 21 4.30 3.07 -6.24
N CYS A 22 4.46 1.93 -5.57
CA CYS A 22 5.64 1.09 -5.69
C CYS A 22 5.42 0.28 -6.95
N VAL A 23 6.26 0.49 -7.97
CA VAL A 23 5.97 -0.10 -9.31
C VAL A 23 5.93 -1.64 -9.25
N GLU A 24 6.93 -2.24 -8.66
CA GLU A 24 7.03 -3.72 -8.72
C GLU A 24 6.01 -4.43 -7.81
N THR A 25 5.64 -3.80 -6.70
CA THR A 25 4.68 -4.46 -5.77
C THR A 25 3.25 -4.05 -6.10
N GLY A 26 3.04 -2.88 -6.69
CA GLY A 26 1.66 -2.41 -6.93
C GLY A 26 1.00 -1.75 -5.74
N VAL A 27 1.72 -1.64 -4.63
CA VAL A 27 1.11 -1.01 -3.41
C VAL A 27 1.08 0.48 -3.66
N GLU A 28 -0.03 1.11 -3.23
CA GLU A 28 -0.19 2.59 -3.35
C GLU A 28 -0.41 3.20 -1.97
N TYR A 29 0.31 4.25 -1.73
CA TYR A 29 0.33 4.96 -0.44
C TYR A 29 -0.16 6.36 -0.68
N PRO A 30 -0.89 6.93 0.33
CA PRO A 30 -1.54 8.23 0.14
C PRO A 30 -0.58 9.42 0.15
N SER A 31 0.68 9.20 0.52
CA SER A 31 1.64 10.32 0.58
C SER A 31 3.05 9.76 0.51
N LEU A 32 4.03 10.63 0.19
CA LEU A 32 5.46 10.28 0.33
C LEU A 32 5.75 9.75 1.73
N SER A 33 5.19 10.41 2.75
CA SER A 33 5.49 10.08 4.17
C SER A 33 4.93 8.68 4.51
N ALA A 34 3.74 8.35 4.03
CA ALA A 34 3.16 7.02 4.37
C ALA A 34 4.04 5.94 3.69
N ALA A 35 4.47 6.18 2.44
CA ALA A 35 5.39 5.24 1.75
C ALA A 35 6.70 5.10 2.52
N ALA A 36 7.29 6.22 2.94
CA ALA A 36 8.57 6.18 3.63
C ALA A 36 8.43 5.33 4.91
N LYS A 37 7.35 5.56 5.65
CA LYS A 37 7.14 4.83 6.92
C LYS A 37 7.01 3.33 6.67
N ALA A 38 6.28 2.95 5.63
CA ALA A 38 6.07 1.53 5.28
C ALA A 38 7.41 0.85 4.92
N MET A 39 8.33 1.67 4.40
CA MET A 39 9.64 1.17 3.94
C MET A 39 10.75 1.36 4.97
N ASP A 40 10.40 1.79 6.17
CA ASP A 40 11.45 2.03 7.17
C ASP A 40 12.49 3.04 6.71
N LEU A 41 12.08 4.05 5.93
CA LEU A 41 13.01 5.06 5.44
C LEU A 41 13.04 6.27 6.37
N PHE A 42 14.08 7.06 6.26
CA PHE A 42 14.25 8.24 7.11
C PHE A 42 13.07 9.17 6.96
N GLY A 43 12.57 9.41 5.77
CA GLY A 43 11.46 10.34 5.62
C GLY A 43 10.99 10.42 4.18
N PRO A 44 9.99 11.25 3.91
CA PRO A 44 9.41 11.36 2.57
C PRO A 44 10.43 11.76 1.50
N GLN A 45 11.47 12.46 1.89
CA GLN A 45 12.54 12.87 0.96
C GLN A 45 13.17 11.67 0.25
N ASN A 46 13.21 10.52 0.92
CA ASN A 46 13.87 9.33 0.36
C ASN A 46 13.00 8.74 -0.75
N ILE A 47 11.67 8.83 -0.65
CA ILE A 47 10.79 8.35 -1.74
C ILE A 47 10.79 9.41 -2.86
N TYR A 48 10.79 10.67 -2.52
CA TYR A 48 10.83 11.76 -3.49
C TYR A 48 12.05 11.57 -4.38
N LYS A 49 13.19 11.30 -3.76
CA LYS A 49 14.46 11.12 -4.52
C LYS A 49 14.29 9.96 -5.52
N ALA A 50 13.77 8.82 -5.06
CA ALA A 50 13.57 7.67 -5.94
C ALA A 50 12.69 8.09 -7.12
N ILE A 51 11.60 8.80 -6.88
CA ILE A 51 10.65 9.17 -7.96
C ILE A 51 11.39 10.08 -8.93
N ARG A 52 12.06 11.12 -8.45
CA ARG A 52 12.59 12.18 -9.31
C ARG A 52 13.79 11.63 -10.09
N LEU A 53 14.54 10.70 -9.55
CA LEU A 53 15.77 10.24 -10.22
C LEU A 53 15.55 8.90 -10.93
N GLY A 54 14.39 8.29 -10.82
CA GLY A 54 14.10 6.93 -11.30
C GLY A 54 14.97 5.87 -10.62
N LYS A 55 15.34 6.10 -9.37
CA LYS A 55 16.19 5.20 -8.62
C LYS A 55 15.36 4.28 -7.74
N LEU A 56 15.99 3.27 -7.18
CA LEU A 56 15.33 2.29 -6.28
CA LEU A 56 15.32 2.30 -6.29
C LEU A 56 15.28 2.83 -4.85
N ALA A 57 14.25 2.41 -4.15
CA ALA A 57 14.15 2.50 -2.67
C ALA A 57 13.50 1.18 -2.22
N GLY A 58 14.19 0.47 -1.34
CA GLY A 58 13.76 -0.87 -0.88
C GLY A 58 13.90 -1.89 -2.00
N GLY A 59 14.66 -1.59 -3.06
CA GLY A 59 14.83 -2.48 -4.20
C GLY A 59 13.78 -2.32 -5.27
N TYR A 60 12.94 -1.30 -5.16
CA TYR A 60 11.79 -1.06 -6.07
C TYR A 60 11.80 0.36 -6.62
N HIS A 61 11.14 0.56 -7.76
CA HIS A 61 10.95 1.89 -8.33
C HIS A 61 9.67 2.50 -7.79
N TRP A 62 9.60 3.79 -7.92
CA TRP A 62 8.50 4.57 -7.29
C TRP A 62 8.07 5.63 -8.26
N VAL A 63 6.76 5.89 -8.34
CA VAL A 63 6.17 6.94 -9.19
CA VAL A 63 6.19 6.96 -9.18
C VAL A 63 4.96 7.55 -8.49
N TYR A 64 4.56 8.72 -8.92
CA TYR A 64 3.26 9.25 -8.40
C TYR A 64 2.13 8.60 -9.20
N VAL A 65 0.97 8.50 -8.57
CA VAL A 65 -0.25 8.07 -9.25
C VAL A 65 -1.34 9.14 -9.24
N ASP A 66 -1.18 10.24 -8.49
N ASP A 66 -1.16 10.24 -8.50
CA ASP A 66 -2.08 11.44 -8.59
CA ASP A 66 -2.04 11.43 -8.65
C ASP A 66 -1.35 12.72 -8.11
C ASP A 66 -1.23 12.71 -8.39
N GLY B 15 -5.80 -14.90 -12.65
CA GLY B 15 -7.13 -14.34 -12.86
C GLY B 15 -7.33 -13.11 -12.00
N TYR B 16 -8.56 -12.64 -11.97
CA TYR B 16 -8.89 -11.40 -11.27
C TYR B 16 -8.55 -11.54 -9.77
N SER B 17 -7.98 -10.51 -9.22
CA SER B 17 -7.69 -10.42 -7.78
CA SER B 17 -7.63 -10.39 -7.78
C SER B 17 -8.20 -9.07 -7.32
N ARG B 18 -9.01 -9.07 -6.24
CA ARG B 18 -9.61 -7.82 -5.69
C ARG B 18 -8.54 -7.07 -4.91
N ALA B 19 -8.36 -5.83 -5.26
CA ALA B 19 -7.52 -4.90 -4.50
C ALA B 19 -8.25 -4.43 -3.22
N VAL B 20 -7.45 -4.11 -2.24
CA VAL B 20 -8.01 -3.76 -0.90
C VAL B 20 -7.41 -2.46 -0.40
N ARG B 21 -8.18 -1.82 0.49
CA ARG B 21 -7.74 -0.56 1.14
C ARG B 21 -7.81 -0.74 2.66
N CYS B 22 -6.74 -0.41 3.35
CA CYS B 22 -6.82 -0.16 4.81
C CYS B 22 -7.44 1.22 4.99
N VAL B 23 -8.61 1.25 5.63
CA VAL B 23 -9.34 2.55 5.69
C VAL B 23 -8.55 3.60 6.51
N GLU B 24 -8.04 3.22 7.66
CA GLU B 24 -7.39 4.22 8.52
C GLU B 24 -6.08 4.73 7.97
N THR B 25 -5.33 3.92 7.21
CA THR B 25 -4.03 4.39 6.66
C THR B 25 -4.22 4.94 5.26
N GLY B 26 -5.27 4.53 4.56
CA GLY B 26 -5.45 4.85 3.13
C GLY B 26 -4.53 4.09 2.18
N VAL B 27 -3.77 3.13 2.68
CA VAL B 27 -2.89 2.32 1.80
C VAL B 27 -3.77 1.36 1.04
N GLU B 28 -3.47 1.22 -0.28
CA GLU B 28 -4.20 0.28 -1.13
C GLU B 28 -3.22 -0.78 -1.66
N TYR B 29 -3.62 -2.03 -1.54
CA TYR B 29 -2.80 -3.20 -1.86
C TYR B 29 -3.43 -3.90 -3.04
N PRO B 30 -2.61 -4.44 -3.97
CA PRO B 30 -3.16 -5.00 -5.20
C PRO B 30 -3.87 -6.34 -5.06
N SER B 31 -3.76 -6.98 -3.88
CA SER B 31 -4.34 -8.31 -3.60
C SER B 31 -4.48 -8.45 -2.10
N LEU B 32 -5.27 -9.44 -1.75
CA LEU B 32 -5.38 -9.89 -0.35
C LEU B 32 -4.01 -10.35 0.17
N SER B 33 -3.25 -11.05 -0.68
CA SER B 33 -1.93 -11.58 -0.24
C SER B 33 -0.95 -10.45 0.05
N ALA B 34 -0.91 -9.40 -0.74
CA ALA B 34 -0.01 -8.25 -0.52
C ALA B 34 -0.39 -7.55 0.79
N ALA B 35 -1.68 -7.33 1.03
CA ALA B 35 -2.13 -6.72 2.30
C ALA B 35 -1.70 -7.63 3.46
N ALA B 36 -1.94 -8.93 3.38
CA ALA B 36 -1.63 -9.84 4.49
C ALA B 36 -0.13 -9.80 4.78
N LYS B 37 0.67 -9.79 3.72
CA LYS B 37 2.13 -9.75 3.93
C LYS B 37 2.54 -8.47 4.64
N ALA B 38 1.94 -7.34 4.26
CA ALA B 38 2.29 -6.02 4.82
C ALA B 38 1.92 -5.99 6.32
N MET B 39 0.97 -6.83 6.72
CA MET B 39 0.43 -6.87 8.09
C MET B 39 1.05 -8.02 8.89
N ASP B 40 1.98 -8.79 8.32
CA ASP B 40 2.58 -9.94 9.04
C ASP B 40 1.49 -10.94 9.41
N LEU B 41 0.46 -11.06 8.60
CA LEU B 41 -0.63 -12.05 8.78
C LEU B 41 -0.27 -13.38 8.14
N PHE B 42 -0.94 -14.43 8.58
CA PHE B 42 -0.78 -15.81 8.11
C PHE B 42 -0.92 -15.85 6.58
N GLY B 43 -1.95 -15.20 6.00
CA GLY B 43 -2.18 -15.26 4.57
C GLY B 43 -3.35 -14.41 4.15
N PRO B 44 -3.68 -14.42 2.84
CA PRO B 44 -4.73 -13.59 2.30
C PRO B 44 -6.06 -13.89 2.99
N GLN B 45 -6.22 -15.12 3.45
CA GLN B 45 -7.48 -15.55 4.13
C GLN B 45 -7.81 -14.65 5.32
N ASN B 46 -6.80 -14.12 5.99
CA ASN B 46 -7.03 -13.31 7.19
C ASN B 46 -7.67 -11.97 6.79
N ILE B 47 -7.24 -11.33 5.68
CA ILE B 47 -7.89 -10.10 5.21
C ILE B 47 -9.28 -10.44 4.63
N TYR B 48 -9.38 -11.52 3.87
CA TYR B 48 -10.65 -11.99 3.29
C TYR B 48 -11.70 -12.09 4.39
N LYS B 49 -11.34 -12.77 5.49
CA LYS B 49 -12.28 -13.02 6.60
CA LYS B 49 -12.25 -13.04 6.62
C LYS B 49 -12.62 -11.70 7.30
N ALA B 50 -11.67 -10.78 7.45
CA ALA B 50 -11.96 -9.48 8.07
C ALA B 50 -13.09 -8.82 7.28
N ILE B 51 -12.96 -8.76 5.97
CA ILE B 51 -13.96 -8.06 5.12
C ILE B 51 -15.29 -8.83 5.16
N ARG B 52 -15.25 -10.13 4.95
CA ARG B 52 -16.46 -10.96 4.85
C ARG B 52 -17.25 -10.95 6.15
N LEU B 53 -16.55 -10.98 7.28
CA LEU B 53 -17.20 -11.12 8.60
C LEU B 53 -17.36 -9.75 9.26
N GLY B 54 -16.84 -8.69 8.70
CA GLY B 54 -16.95 -7.34 9.26
C GLY B 54 -16.11 -7.19 10.52
N LYS B 55 -14.91 -7.74 10.53
CA LYS B 55 -13.97 -7.71 11.65
C LYS B 55 -12.77 -6.84 11.28
N LEU B 56 -12.15 -6.24 12.30
CA LEU B 56 -10.88 -5.51 12.08
C LEU B 56 -9.75 -6.52 11.84
N ALA B 57 -8.66 -6.01 11.24
CA ALA B 57 -7.37 -6.72 11.23
C ALA B 57 -6.25 -5.71 11.47
N GLY B 58 -5.40 -6.00 12.44
CA GLY B 58 -4.39 -5.05 12.88
C GLY B 58 -4.97 -3.83 13.53
N GLY B 59 -6.24 -3.87 14.02
CA GLY B 59 -6.91 -2.71 14.57
C GLY B 59 -7.54 -1.82 13.54
N TYR B 60 -7.49 -2.21 12.27
CA TYR B 60 -7.99 -1.38 11.15
C TYR B 60 -9.17 -2.03 10.42
N HIS B 61 -9.96 -1.20 9.80
CA HIS B 61 -11.04 -1.63 8.90
C HIS B 61 -10.40 -1.87 7.50
N TRP B 62 -10.93 -2.87 6.85
CA TRP B 62 -10.49 -3.28 5.47
C TRP B 62 -11.71 -3.29 4.57
N VAL B 63 -11.50 -2.88 3.33
CA VAL B 63 -12.56 -2.93 2.29
C VAL B 63 -11.91 -3.23 0.93
N TYR B 64 -12.70 -3.68 -0.01
CA TYR B 64 -12.21 -3.78 -1.41
C TYR B 64 -12.27 -2.41 -2.06
N VAL B 65 -11.41 -2.24 -3.06
CA VAL B 65 -11.54 -1.06 -3.95
C VAL B 65 -11.78 -1.46 -5.39
N ASP B 66 -11.71 -2.76 -5.74
N ASP B 66 -11.76 -2.75 -5.74
CA ASP B 66 -12.17 -3.32 -7.08
CA ASP B 66 -12.23 -3.26 -7.06
C ASP B 66 -12.43 -4.85 -7.15
C ASP B 66 -12.61 -4.74 -6.93
C1 EDO C . -3.50 5.27 -1.85
O1 EDO C . -3.99 6.19 -0.92
C2 EDO C . -4.19 5.21 -3.16
O2 EDO C . -4.84 6.38 -3.55
C1 EDO D . 9.92 16.08 -0.71
O1 EDO D . 8.91 17.06 -0.83
C2 EDO D . 10.23 15.81 0.71
O2 EDO D . 9.03 15.65 1.44
C1 EDO E . 6.35 -1.84 8.37
O1 EDO E . 6.00 -3.08 8.98
C2 EDO E . 7.73 -1.45 8.68
O2 EDO E . 8.61 -2.58 8.57
C1 EDO F . 6.64 -1.82 -1.19
O1 EDO F . 5.32 -1.94 -1.56
C2 EDO F . 6.93 -2.73 -0.02
O2 EDO F . 6.43 -4.08 -0.08
C1 EDO G . -4.66 -0.64 -5.86
O1 EDO G . -4.83 -0.23 -7.15
C2 EDO G . -3.29 -0.91 -5.48
O2 EDO G . -2.66 -1.83 -6.35
C1 EDO H . -0.48 -0.98 7.57
O1 EDO H . 0.12 0.23 7.90
C2 EDO H . -1.85 -0.79 7.04
O2 EDO H . -1.87 0.00 5.84
C1 EDO I . 2.17 -4.98 11.09
O1 EDO I . 2.91 -4.28 10.12
C2 EDO I . 2.79 -6.25 11.56
O2 EDO I . 4.02 -6.18 12.24
C1 EDO J . -14.84 -3.95 7.85
O1 EDO J . -14.45 -2.97 6.91
C2 EDO J . -13.84 -4.17 8.89
O2 EDO J . -12.58 -4.66 8.37
C1 EDO K . -21.09 -8.71 6.60
O1 EDO K . -21.16 -7.73 5.58
C2 EDO K . -20.16 -8.27 7.64
O2 EDO K . -20.70 -7.15 8.30
C1 EDO L . -9.73 -0.39 17.76
O1 EDO L . -10.05 0.24 18.99
C2 EDO L . -8.35 -0.13 17.30
O2 EDO L . -7.43 -0.09 18.40
C1 EDO M . 6.62 -5.28 6.44
O1 EDO M . 7.41 -4.74 7.48
C2 EDO M . 5.82 -6.39 6.97
O2 EDO M . 6.63 -7.51 7.30
C1 EDO N . 1.93 -18.23 7.22
O1 EDO N . 2.54 -17.10 6.65
C2 EDO N . 2.41 -19.54 6.78
O2 EDO N . 3.72 -19.84 7.24
NA NA O . -5.60 -18.21 9.74
NA NA P . -8.31 -16.51 0.42
#